data_7E4C
#
_entry.id   7E4C
#
_cell.length_a   95.414
_cell.length_b   95.414
_cell.length_c   103.739
_cell.angle_alpha   90.000
_cell.angle_beta   90.000
_cell.angle_gamma   120.000
#
_symmetry.space_group_name_H-M   'P 31 2 1'
#
loop_
_entity.id
_entity.type
_entity.pdbx_description
1 polymer 'Macrophage migration inhibitory factor'
2 non-polymer 'CHLORIDE ION'
3 non-polymer 'SULFATE ION'
4 non-polymer 4-[(3R)-8,8-dimethyl-3,4-dihydro-2H,8H-pyrano[2,3-f]chromen-3-yl]benzene-1,3-diol
5 non-polymer 'SODIUM ION'
6 water water
#
_entity_poly.entity_id   1
_entity_poly.type   'polypeptide(L)'
_entity_poly.pdbx_seq_one_letter_code
;PMFIVNTNVPRASVPDGFLSELTQQLAQATGKPPQYIAVHVVPDQLMAFGGSSEPCALCSLHSIGKIGGAQNRSYSKLLC
GLLAERLRISPDRVYINYYDMNAANVGWNNSTFA
;
_entity_poly.pdbx_strand_id   A,B,C
#
loop_
_chem_comp.id
_chem_comp.type
_chem_comp.name
_chem_comp.formula
CL non-polymer 'CHLORIDE ION' 'Cl -1'
GBJ non-polymer 4-[(3R)-8,8-dimethyl-3,4-dihydro-2H,8H-pyrano[2,3-f]chromen-3-yl]benzene-1,3-diol 'C20 H20 O4'
NA non-polymer 'SODIUM ION' 'Na 1'
SO4 non-polymer 'SULFATE ION' 'O4 S -2'
#
# COMPACT_ATOMS: atom_id res chain seq x y z
N PRO A 1 -8.16 10.02 -8.80
CA PRO A 1 -8.20 9.27 -7.53
C PRO A 1 -7.77 7.84 -7.75
N MET A 2 -7.37 7.21 -6.67
CA MET A 2 -6.94 5.81 -6.71
C MET A 2 -7.63 5.11 -5.55
N PHE A 3 -8.30 3.97 -5.83
CA PHE A 3 -8.94 3.20 -4.77
C PHE A 3 -8.38 1.80 -4.78
N ILE A 4 -7.90 1.35 -3.61
CA ILE A 4 -7.29 0.03 -3.45
C ILE A 4 -8.08 -0.74 -2.44
N VAL A 5 -8.42 -1.97 -2.76
CA VAL A 5 -9.01 -2.88 -1.75
C VAL A 5 -8.20 -4.17 -1.68
N ASN A 6 -7.74 -4.52 -0.48
CA ASN A 6 -7.12 -5.81 -0.21
C ASN A 6 -8.11 -6.62 0.58
N THR A 7 -8.31 -7.87 0.18
CA THR A 7 -9.32 -8.67 0.87
C THR A 7 -8.92 -10.14 0.87
N ASN A 8 -9.45 -10.87 1.85
CA ASN A 8 -9.26 -12.31 1.87
C ASN A 8 -10.31 -13.06 1.07
N VAL A 9 -11.28 -12.36 0.47
CA VAL A 9 -12.27 -13.05 -0.36
C VAL A 9 -11.55 -13.65 -1.57
N PRO A 10 -11.93 -14.85 -2.05
CA PRO A 10 -11.21 -15.43 -3.19
C PRO A 10 -11.51 -14.71 -4.49
N ARG A 11 -10.56 -14.81 -5.42
CA ARG A 11 -10.68 -14.11 -6.70
C ARG A 11 -11.99 -14.47 -7.40
N ALA A 12 -12.42 -15.73 -7.29
CA ALA A 12 -13.61 -16.13 -8.03
C ALA A 12 -14.86 -15.46 -7.51
N SER A 13 -14.79 -14.89 -6.30
CA SER A 13 -15.91 -14.21 -5.70
C SER A 13 -15.93 -12.74 -6.05
N VAL A 14 -14.92 -12.23 -6.74
CA VAL A 14 -14.88 -10.82 -7.15
C VAL A 14 -15.58 -10.74 -8.50
N PRO A 15 -16.70 -10.03 -8.63
CA PRO A 15 -17.41 -10.02 -9.92
C PRO A 15 -16.53 -9.37 -10.99
N ASP A 16 -16.69 -9.86 -12.22
CA ASP A 16 -15.91 -9.32 -13.32
C ASP A 16 -16.15 -7.82 -13.53
N GLY A 17 -17.33 -7.32 -13.15
CA GLY A 17 -17.66 -5.93 -13.34
C GLY A 17 -17.30 -5.03 -12.19
N PHE A 18 -16.68 -5.56 -11.14
CA PHE A 18 -16.50 -4.80 -9.91
C PHE A 18 -15.61 -3.58 -10.11
N LEU A 19 -14.50 -3.71 -10.88
CA LEU A 19 -13.62 -2.54 -11.03
C LEU A 19 -14.34 -1.44 -11.78
N SER A 20 -15.13 -1.81 -12.78
N SER A 20 -15.15 -1.81 -12.77
CA SER A 20 -15.90 -0.82 -13.51
CA SER A 20 -15.89 -0.79 -13.52
C SER A 20 -16.95 -0.17 -12.62
C SER A 20 -16.98 -0.17 -12.66
N GLU A 21 -17.63 -0.95 -11.78
CA GLU A 21 -18.66 -0.40 -10.92
C GLU A 21 -18.03 0.61 -9.94
N LEU A 22 -16.91 0.23 -9.35
CA LEU A 22 -16.16 1.13 -8.46
C LEU A 22 -15.77 2.39 -9.20
N THR A 23 -15.27 2.23 -10.43
CA THR A 23 -14.82 3.40 -11.20
C THR A 23 -15.94 4.40 -11.38
N GLN A 24 -17.11 3.92 -11.82
CA GLN A 24 -18.24 4.80 -12.08
C GLN A 24 -18.77 5.42 -10.79
N GLN A 25 -18.91 4.60 -9.73
CA GLN A 25 -19.47 5.13 -8.49
C GLN A 25 -18.51 6.14 -7.87
N LEU A 26 -17.22 5.85 -7.94
CA LEU A 26 -16.24 6.81 -7.39
C LEU A 26 -16.17 8.10 -8.23
N ALA A 27 -16.35 8.00 -9.55
CA ALA A 27 -16.40 9.23 -10.35
C ALA A 27 -17.55 10.13 -9.89
N GLN A 28 -18.73 9.54 -9.67
CA GLN A 28 -19.88 10.32 -9.20
C GLN A 28 -19.61 10.87 -7.80
N ALA A 29 -19.03 10.04 -6.92
CA ALA A 29 -18.89 10.46 -5.52
C ALA A 29 -17.86 11.55 -5.38
N THR A 30 -16.75 11.43 -6.10
CA THR A 30 -15.66 12.43 -6.00
C THR A 30 -15.89 13.61 -6.93
N GLY A 31 -16.79 13.49 -7.89
CA GLY A 31 -16.98 14.54 -8.85
C GLY A 31 -15.91 14.64 -9.91
N LYS A 32 -15.01 13.70 -9.99
CA LYS A 32 -13.94 13.66 -10.99
C LYS A 32 -14.37 12.79 -12.18
N PRO A 33 -13.90 13.11 -13.39
CA PRO A 33 -14.19 12.26 -14.57
C PRO A 33 -13.66 10.85 -14.35
N PRO A 34 -14.38 9.84 -14.83
CA PRO A 34 -13.89 8.46 -14.67
C PRO A 34 -12.50 8.21 -15.26
N GLN A 35 -12.07 8.98 -16.27
CA GLN A 35 -10.74 8.72 -16.81
C GLN A 35 -9.66 8.89 -15.77
N TYR A 36 -9.90 9.69 -14.73
CA TYR A 36 -8.86 9.85 -13.73
C TYR A 36 -8.97 8.95 -12.52
N ILE A 37 -9.91 8.00 -12.53
CA ILE A 37 -10.10 7.07 -11.43
C ILE A 37 -9.35 5.78 -11.77
N ALA A 38 -8.51 5.33 -10.85
CA ALA A 38 -7.85 4.04 -10.95
C ALA A 38 -8.32 3.18 -9.80
N VAL A 39 -8.50 1.90 -10.08
CA VAL A 39 -8.99 0.95 -9.07
C VAL A 39 -8.11 -0.29 -9.10
N HIS A 40 -7.88 -0.86 -7.92
CA HIS A 40 -7.00 -2.01 -7.74
C HIS A 40 -7.63 -2.91 -6.68
N VAL A 41 -7.95 -4.16 -7.05
CA VAL A 41 -8.58 -5.10 -6.14
C VAL A 41 -7.62 -6.27 -5.96
N VAL A 42 -7.32 -6.60 -4.71
CA VAL A 42 -6.34 -7.66 -4.41
C VAL A 42 -7.04 -8.73 -3.58
N PRO A 43 -7.50 -9.81 -4.21
CA PRO A 43 -8.21 -10.87 -3.48
C PRO A 43 -7.24 -11.89 -2.94
N ASP A 44 -7.78 -12.90 -2.25
CA ASP A 44 -7.03 -14.09 -1.78
C ASP A 44 -5.93 -13.74 -0.80
N GLN A 45 -6.07 -12.63 -0.05
CA GLN A 45 -5.01 -12.21 0.87
C GLN A 45 -5.10 -12.92 2.21
N LEU A 46 -3.91 -13.10 2.82
CA LEU A 46 -3.80 -13.66 4.15
C LEU A 46 -3.96 -12.52 5.16
N MET A 47 -5.16 -12.41 5.73
CA MET A 47 -5.47 -11.28 6.58
C MET A 47 -6.29 -11.74 7.76
N ALA A 48 -6.26 -10.91 8.80
CA ALA A 48 -7.20 -11.04 9.90
C ALA A 48 -7.66 -9.65 10.31
N PHE A 49 -8.87 -9.61 10.87
CA PHE A 49 -9.48 -8.37 11.27
C PHE A 49 -10.07 -8.65 12.65
N GLY A 50 -9.57 -7.96 13.67
CA GLY A 50 -10.04 -8.27 15.01
C GLY A 50 -9.71 -9.68 15.44
N GLY A 51 -8.66 -10.26 14.88
CA GLY A 51 -8.24 -11.59 15.24
C GLY A 51 -8.95 -12.73 14.54
N SER A 52 -9.89 -12.45 13.65
CA SER A 52 -10.52 -13.55 12.93
C SER A 52 -10.40 -13.36 11.44
N SER A 53 -10.59 -14.47 10.72
N SER A 53 -10.54 -14.45 10.69
CA SER A 53 -10.30 -14.52 9.30
CA SER A 53 -10.32 -14.37 9.25
C SER A 53 -11.56 -14.56 8.44
C SER A 53 -11.60 -14.64 8.46
N GLU A 54 -12.74 -14.23 9.01
CA GLU A 54 -13.93 -14.05 8.19
C GLU A 54 -13.65 -12.95 7.16
N PRO A 55 -14.47 -12.86 6.12
CA PRO A 55 -14.20 -11.86 5.06
C PRO A 55 -14.01 -10.47 5.63
N CYS A 56 -12.99 -9.77 5.12
CA CYS A 56 -12.71 -8.41 5.56
C CYS A 56 -12.02 -7.68 4.42
N ALA A 57 -11.86 -6.38 4.59
CA ALA A 57 -11.19 -5.59 3.58
C ALA A 57 -10.41 -4.47 4.23
N LEU A 58 -9.21 -4.22 3.71
CA LEU A 58 -8.43 -3.05 4.08
C LEU A 58 -8.25 -2.26 2.80
N CYS A 59 -8.65 -0.99 2.83
CA CYS A 59 -8.78 -0.21 1.61
C CYS A 59 -8.10 1.13 1.77
N SER A 60 -7.82 1.79 0.65
CA SER A 60 -7.39 3.19 0.72
C SER A 60 -7.96 3.97 -0.45
N LEU A 61 -8.28 5.24 -0.21
CA LEU A 61 -8.74 6.13 -1.28
C LEU A 61 -7.83 7.34 -1.26
N HIS A 62 -7.13 7.57 -2.36
CA HIS A 62 -6.24 8.74 -2.50
C HIS A 62 -6.85 9.66 -3.53
N SER A 63 -6.82 10.99 -3.29
CA SER A 63 -7.35 11.91 -4.28
C SER A 63 -6.67 13.25 -4.08
N ILE A 64 -6.45 13.98 -5.17
CA ILE A 64 -6.00 15.39 -5.07
C ILE A 64 -7.27 16.18 -4.77
N GLY A 65 -7.47 16.52 -3.48
CA GLY A 65 -8.71 17.16 -3.04
C GLY A 65 -9.84 16.15 -2.98
N LYS A 66 -11.03 16.70 -2.70
CA LYS A 66 -12.26 15.90 -2.54
C LYS A 66 -12.12 14.93 -1.38
N ILE A 67 -11.31 15.27 -0.39
CA ILE A 67 -11.10 14.47 0.82
C ILE A 67 -11.36 15.38 2.01
N GLY A 68 -12.11 14.90 2.99
CA GLY A 68 -12.37 15.73 4.16
C GLY A 68 -13.38 15.04 5.05
N GLY A 69 -13.66 15.69 6.19
CA GLY A 69 -14.52 15.06 7.18
C GLY A 69 -15.84 14.56 6.64
N ALA A 70 -16.62 15.47 6.07
CA ALA A 70 -17.93 15.10 5.59
C ALA A 70 -17.83 14.21 4.37
N GLN A 71 -16.92 14.53 3.42
CA GLN A 71 -16.83 13.69 2.24
C GLN A 71 -16.45 12.27 2.60
N ASN A 72 -15.52 12.11 3.56
CA ASN A 72 -15.04 10.78 3.88
C ASN A 72 -16.15 9.96 4.53
N ARG A 73 -17.00 10.60 5.35
CA ARG A 73 -18.14 9.88 5.93
C ARG A 73 -19.04 9.33 4.83
N SER A 74 -19.24 10.12 3.76
CA SER A 74 -20.06 9.68 2.63
C SER A 74 -19.37 8.58 1.85
N TYR A 75 -18.08 8.74 1.56
CA TYR A 75 -17.38 7.67 0.85
C TYR A 75 -17.48 6.36 1.59
N SER A 76 -17.41 6.41 2.93
CA SER A 76 -17.43 5.14 3.67
C SER A 76 -18.74 4.41 3.46
N LYS A 77 -19.85 5.16 3.36
CA LYS A 77 -21.15 4.52 3.07
C LYS A 77 -21.18 3.91 1.67
N LEU A 78 -20.66 4.63 0.67
CA LEU A 78 -20.62 4.09 -0.67
C LEU A 78 -19.79 2.82 -0.72
N LEU A 79 -18.58 2.88 -0.14
CA LEU A 79 -17.62 1.79 -0.29
C LEU A 79 -18.02 0.61 0.56
N CYS A 80 -18.48 0.84 1.79
CA CYS A 80 -19.02 -0.29 2.54
C CYS A 80 -20.21 -0.91 1.84
N GLY A 81 -21.07 -0.09 1.20
CA GLY A 81 -22.22 -0.66 0.50
C GLY A 81 -21.81 -1.57 -0.63
N LEU A 82 -20.82 -1.13 -1.42
CA LEU A 82 -20.34 -1.93 -2.54
C LEU A 82 -19.64 -3.20 -2.06
N LEU A 83 -18.80 -3.09 -1.03
CA LEU A 83 -18.09 -4.27 -0.54
C LEU A 83 -19.06 -5.25 0.10
N ALA A 84 -20.11 -4.75 0.76
CA ALA A 84 -21.09 -5.66 1.31
C ALA A 84 -21.87 -6.38 0.23
N GLU A 85 -22.36 -5.65 -0.78
CA GLU A 85 -23.21 -6.29 -1.77
C GLU A 85 -22.41 -7.18 -2.74
N ARG A 86 -21.28 -6.69 -3.23
CA ARG A 86 -20.57 -7.45 -4.27
C ARG A 86 -19.58 -8.46 -3.71
N LEU A 87 -18.93 -8.18 -2.58
CA LEU A 87 -17.95 -9.11 -1.99
C LEU A 87 -18.46 -9.82 -0.73
N ARG A 88 -19.65 -9.49 -0.25
CA ARG A 88 -20.25 -10.14 0.90
C ARG A 88 -19.42 -9.89 2.17
N ILE A 89 -18.82 -8.72 2.28
CA ILE A 89 -18.02 -8.35 3.45
C ILE A 89 -18.87 -7.51 4.41
N SER A 90 -18.90 -7.91 5.68
N SER A 90 -18.90 -7.92 5.68
CA SER A 90 -19.63 -7.12 6.68
CA SER A 90 -19.60 -7.12 6.70
C SER A 90 -18.97 -5.75 6.85
C SER A 90 -18.97 -5.74 6.84
N PRO A 91 -19.76 -4.67 6.91
CA PRO A 91 -19.18 -3.32 6.93
C PRO A 91 -18.35 -3.01 8.17
N ASP A 92 -18.55 -3.73 9.27
CA ASP A 92 -17.68 -3.54 10.43
C ASP A 92 -16.39 -4.34 10.34
N ARG A 93 -16.10 -4.95 9.17
CA ARG A 93 -14.83 -5.60 8.90
C ARG A 93 -14.16 -4.92 7.71
N VAL A 94 -14.38 -3.61 7.57
CA VAL A 94 -13.82 -2.81 6.50
C VAL A 94 -13.12 -1.62 7.14
N TYR A 95 -11.86 -1.40 6.78
CA TYR A 95 -11.19 -0.14 7.07
C TYR A 95 -10.83 0.53 5.75
N ILE A 96 -10.96 1.84 5.71
CA ILE A 96 -10.60 2.65 4.53
C ILE A 96 -9.76 3.81 5.01
N ASN A 97 -8.50 3.88 4.58
CA ASN A 97 -7.69 5.05 4.90
C ASN A 97 -7.83 6.07 3.77
N TYR A 98 -8.06 7.34 4.12
CA TYR A 98 -8.26 8.39 3.12
C TYR A 98 -7.03 9.28 3.08
N TYR A 99 -6.60 9.65 1.87
CA TYR A 99 -5.39 10.46 1.68
C TYR A 99 -5.70 11.62 0.75
N ASP A 100 -5.56 12.86 1.26
CA ASP A 100 -5.66 14.05 0.44
C ASP A 100 -4.26 14.35 -0.10
N MET A 101 -4.02 14.09 -1.38
CA MET A 101 -2.69 14.23 -1.95
C MET A 101 -2.48 15.62 -2.49
N ASN A 102 -1.28 16.15 -2.26
CA ASN A 102 -0.87 17.38 -2.94
C ASN A 102 -0.54 17.06 -4.41
N ALA A 103 -0.96 17.96 -5.32
CA ALA A 103 -0.71 17.75 -6.74
C ALA A 103 0.77 17.52 -7.04
N ALA A 104 1.66 18.20 -6.30
CA ALA A 104 3.10 18.06 -6.51
C ALA A 104 3.59 16.66 -6.17
N ASN A 105 2.81 15.91 -5.40
CA ASN A 105 3.22 14.59 -4.94
C ASN A 105 2.50 13.49 -5.70
N VAL A 106 1.88 13.82 -6.84
CA VAL A 106 1.21 12.78 -7.66
C VAL A 106 1.80 12.84 -9.07
N GLY A 107 2.54 11.78 -9.43
CA GLY A 107 3.10 11.68 -10.77
C GLY A 107 2.14 10.96 -11.71
N TRP A 108 2.21 11.36 -12.97
CA TRP A 108 1.37 10.87 -14.05
C TRP A 108 1.94 11.37 -15.38
N ASN A 109 1.96 10.53 -16.39
CA ASN A 109 2.28 10.97 -17.75
C ASN A 109 3.59 11.79 -17.78
N ASN A 110 4.64 11.24 -17.17
CA ASN A 110 6.02 11.76 -17.17
C ASN A 110 6.21 13.03 -16.34
N SER A 111 5.23 13.44 -15.54
CA SER A 111 5.34 14.71 -14.82
C SER A 111 4.54 14.56 -13.54
N THR A 112 4.24 15.68 -12.88
CA THR A 112 3.26 15.66 -11.79
C THR A 112 2.13 16.61 -12.11
N PHE A 113 1.11 16.62 -11.25
CA PHE A 113 -0.02 17.52 -11.52
C PHE A 113 0.21 18.94 -11.04
N ALA A 114 1.31 19.21 -10.34
CA ALA A 114 1.58 20.58 -9.86
C ALA A 114 1.81 21.60 -10.99
N PRO B 1 -5.95 -0.19 14.54
CA PRO B 1 -4.66 -0.15 13.83
C PRO B 1 -4.61 -1.21 12.74
N MET B 2 -3.69 -1.02 11.81
CA MET B 2 -3.54 -1.93 10.70
C MET B 2 -2.05 -2.15 10.50
N PHE B 3 -1.62 -3.42 10.41
CA PHE B 3 -0.22 -3.77 10.17
C PHE B 3 -0.13 -4.62 8.91
N ILE B 4 0.71 -4.21 7.97
CA ILE B 4 0.87 -4.93 6.71
C ILE B 4 2.33 -5.32 6.61
N VAL B 5 2.60 -6.57 6.23
CA VAL B 5 3.98 -6.98 5.94
C VAL B 5 4.03 -7.58 4.56
N ASN B 6 4.91 -7.05 3.71
CA ASN B 6 5.15 -7.60 2.38
C ASN B 6 6.53 -8.23 2.43
N THR B 7 6.67 -9.48 1.98
CA THR B 7 7.97 -10.14 2.07
C THR B 7 8.14 -11.09 0.89
N ASN B 8 9.40 -11.37 0.57
CA ASN B 8 9.72 -12.35 -0.47
C ASN B 8 9.86 -13.76 0.10
N VAL B 9 9.74 -13.91 1.41
CA VAL B 9 9.78 -15.25 2.02
C VAL B 9 8.58 -16.07 1.54
N PRO B 10 8.70 -17.39 1.33
CA PRO B 10 7.55 -18.14 0.79
C PRO B 10 6.43 -18.33 1.80
N ARG B 11 5.21 -18.51 1.28
CA ARG B 11 4.05 -18.67 2.14
C ARG B 11 4.23 -19.82 3.12
N ALA B 12 4.88 -20.88 2.68
CA ALA B 12 5.01 -22.06 3.53
C ALA B 12 5.89 -21.79 4.74
N SER B 13 6.67 -20.71 4.72
CA SER B 13 7.51 -20.30 5.84
C SER B 13 6.79 -19.43 6.84
N VAL B 14 5.55 -19.03 6.55
CA VAL B 14 4.76 -18.24 7.48
C VAL B 14 4.13 -19.23 8.45
N PRO B 15 4.47 -19.18 9.72
CA PRO B 15 3.93 -20.17 10.67
C PRO B 15 2.45 -20.02 10.91
N ASP B 16 1.81 -21.16 11.12
CA ASP B 16 0.43 -21.13 11.56
C ASP B 16 0.40 -20.39 12.88
N GLY B 17 -0.56 -19.48 13.00
CA GLY B 17 -0.68 -18.67 14.19
C GLY B 17 0.02 -17.33 14.10
N PHE B 18 0.72 -17.05 12.99
CA PHE B 18 1.44 -15.79 12.87
C PHE B 18 0.49 -14.58 12.91
N LEU B 19 -0.65 -14.64 12.20
CA LEU B 19 -1.53 -13.47 12.22
C LEU B 19 -2.07 -13.20 13.63
N SER B 20 -2.41 -14.27 14.37
CA SER B 20 -2.89 -14.08 15.73
C SER B 20 -1.80 -13.52 16.61
N GLU B 21 -0.57 -14.00 16.43
CA GLU B 21 0.53 -13.48 17.22
C GLU B 21 0.74 -12.00 16.94
N LEU B 22 0.71 -11.60 15.67
CA LEU B 22 0.79 -10.18 15.35
C LEU B 22 -0.37 -9.42 15.99
N THR B 23 -1.59 -9.96 15.90
CA THR B 23 -2.74 -9.27 16.46
C THR B 23 -2.57 -9.02 17.95
N GLN B 24 -2.20 -10.08 18.70
CA GLN B 24 -2.09 -9.97 20.14
C GLN B 24 -0.91 -9.08 20.55
N GLN B 25 0.23 -9.22 19.87
CA GLN B 25 1.39 -8.43 20.27
C GLN B 25 1.18 -6.95 19.94
N LEU B 26 0.53 -6.66 18.82
CA LEU B 26 0.22 -5.26 18.51
C LEU B 26 -0.82 -4.70 19.48
N ALA B 27 -1.80 -5.52 19.91
CA ALA B 27 -2.76 -5.04 20.91
C ALA B 27 -2.04 -4.63 22.18
N GLN B 28 -1.13 -5.48 22.66
CA GLN B 28 -0.35 -5.18 23.85
C GLN B 28 0.52 -3.94 23.62
N ALA B 29 1.14 -3.84 22.44
CA ALA B 29 2.09 -2.77 22.17
C ALA B 29 1.41 -1.42 21.99
N THR B 30 0.30 -1.39 21.27
CA THR B 30 -0.44 -0.15 21.02
C THR B 30 -1.44 0.16 22.13
N GLY B 31 -1.78 -0.83 22.95
CA GLY B 31 -2.81 -0.57 23.93
C GLY B 31 -4.21 -0.53 23.37
N LYS B 32 -4.38 -0.86 22.15
CA LYS B 32 -5.71 -0.90 21.54
C LYS B 32 -6.28 -2.29 21.65
N PRO B 33 -7.61 -2.40 21.76
CA PRO B 33 -8.25 -3.72 21.83
C PRO B 33 -7.93 -4.53 20.59
N PRO B 34 -7.70 -5.84 20.73
CA PRO B 34 -7.41 -6.65 19.55
C PRO B 34 -8.53 -6.60 18.55
N GLN B 35 -9.75 -6.30 18.99
CA GLN B 35 -10.81 -6.29 18.02
C GLN B 35 -10.62 -5.17 17.01
N TYR B 36 -9.82 -4.15 17.33
CA TYR B 36 -9.63 -3.04 16.39
C TYR B 36 -8.40 -3.22 15.51
N ILE B 37 -7.68 -4.34 15.68
CA ILE B 37 -6.40 -4.56 15.01
C ILE B 37 -6.62 -5.41 13.77
N ALA B 38 -6.13 -4.93 12.62
CA ALA B 38 -6.16 -5.72 11.40
C ALA B 38 -4.72 -6.02 11.00
N VAL B 39 -4.50 -7.23 10.47
CA VAL B 39 -3.14 -7.64 10.09
C VAL B 39 -3.20 -8.28 8.72
N HIS B 40 -2.16 -8.08 7.94
CA HIS B 40 -2.18 -8.49 6.54
C HIS B 40 -0.75 -8.91 6.21
N VAL B 41 -0.57 -10.17 5.80
CA VAL B 41 0.76 -10.71 5.50
C VAL B 41 0.78 -11.15 4.02
N VAL B 42 1.80 -10.70 3.29
CA VAL B 42 1.85 -10.90 1.83
C VAL B 42 3.17 -11.56 1.49
N PRO B 43 3.21 -12.88 1.38
CA PRO B 43 4.47 -13.57 1.12
C PRO B 43 4.72 -13.74 -0.37
N ASP B 44 5.85 -14.33 -0.72
CA ASP B 44 6.18 -14.69 -2.10
C ASP B 44 6.29 -13.48 -3.03
N GLN B 45 6.65 -12.32 -2.50
CA GLN B 45 6.70 -11.11 -3.32
C GLN B 45 8.05 -10.99 -4.04
N LEU B 46 8.00 -10.29 -5.18
CA LEU B 46 9.20 -10.00 -5.98
C LEU B 46 9.78 -8.70 -5.43
N MET B 47 10.83 -8.81 -4.61
CA MET B 47 11.38 -7.66 -3.91
C MET B 47 12.89 -7.68 -3.90
N ALA B 48 13.46 -6.50 -3.69
CA ALA B 48 14.88 -6.41 -3.39
C ALA B 48 15.08 -5.32 -2.35
N PHE B 49 16.13 -5.49 -1.56
CA PHE B 49 16.48 -4.57 -0.52
C PHE B 49 17.98 -4.36 -0.68
N GLY B 50 18.36 -3.12 -0.96
CA GLY B 50 19.78 -2.87 -1.19
C GLY B 50 20.32 -3.59 -2.41
N GLY B 51 19.47 -3.89 -3.38
CA GLY B 51 19.84 -4.60 -4.60
C GLY B 51 19.93 -6.11 -4.48
N SER B 52 19.66 -6.66 -3.31
CA SER B 52 19.76 -8.10 -3.06
C SER B 52 18.36 -8.68 -2.83
N SER B 53 18.14 -9.90 -3.29
CA SER B 53 16.83 -10.53 -3.06
C SER B 53 16.89 -11.59 -1.97
N GLU B 54 17.85 -11.50 -1.06
CA GLU B 54 17.78 -12.25 0.17
C GLU B 54 16.52 -11.84 0.94
N PRO B 55 16.10 -12.65 1.91
CA PRO B 55 14.85 -12.33 2.63
C PRO B 55 14.84 -10.90 3.13
N CYS B 56 13.70 -10.24 2.95
CA CYS B 56 13.51 -8.87 3.38
C CYS B 56 12.02 -8.66 3.61
N ALA B 57 11.69 -7.50 4.19
CA ALA B 57 10.27 -7.19 4.38
C ALA B 57 10.08 -5.69 4.30
N LEU B 58 8.94 -5.28 3.73
CA LEU B 58 8.51 -3.89 3.72
C LEU B 58 7.14 -3.88 4.41
N CYS B 59 7.04 -3.06 5.46
CA CYS B 59 5.88 -3.13 6.36
C CYS B 59 5.31 -1.74 6.61
N SER B 60 4.07 -1.69 7.09
CA SER B 60 3.53 -0.41 7.53
C SER B 60 2.65 -0.64 8.74
N LEU B 61 2.63 0.33 9.63
CA LEU B 61 1.71 0.30 10.78
C LEU B 61 0.95 1.60 10.74
N HIS B 62 -0.38 1.53 10.66
CA HIS B 62 -1.25 2.70 10.67
C HIS B 62 -2.03 2.68 11.97
N SER B 63 -2.13 3.82 12.64
CA SER B 63 -2.92 3.87 13.88
C SER B 63 -3.43 5.28 14.08
N ILE B 64 -4.61 5.40 14.68
CA ILE B 64 -5.07 6.70 15.15
C ILE B 64 -4.40 6.95 16.51
N GLY B 65 -3.35 7.76 16.53
CA GLY B 65 -2.56 7.92 17.72
C GLY B 65 -1.66 6.72 18.01
N LYS B 66 -0.98 6.79 19.16
CA LYS B 66 -0.04 5.75 19.60
C LYS B 66 1.12 5.61 18.63
N ILE B 67 1.44 6.69 17.93
CA ILE B 67 2.56 6.77 17.00
C ILE B 67 3.44 7.92 17.48
N GLY B 68 4.75 7.71 17.51
CA GLY B 68 5.61 8.79 17.95
C GLY B 68 7.02 8.29 18.07
N GLY B 69 7.93 9.21 18.40
CA GLY B 69 9.34 8.84 18.41
C GLY B 69 9.68 7.59 19.20
N ALA B 70 9.40 7.62 20.51
CA ALA B 70 9.82 6.51 21.36
C ALA B 70 8.98 5.27 21.08
N GLN B 71 7.68 5.47 20.86
CA GLN B 71 6.78 4.35 20.60
C GLN B 71 7.19 3.59 19.35
N ASN B 72 7.58 4.34 18.30
CA ASN B 72 7.96 3.69 17.05
C ASN B 72 9.26 2.91 17.19
N ARG B 73 10.21 3.42 17.99
CA ARG B 73 11.39 2.61 18.28
C ARG B 73 10.97 1.31 18.95
N SER B 74 10.02 1.39 19.88
CA SER B 74 9.58 0.17 20.57
C SER B 74 8.88 -0.78 19.60
N TYR B 75 7.98 -0.26 18.77
CA TYR B 75 7.31 -1.09 17.77
C TYR B 75 8.33 -1.75 16.84
N SER B 76 9.39 -1.02 16.45
CA SER B 76 10.36 -1.58 15.50
C SER B 76 11.13 -2.73 16.11
N LYS B 77 11.49 -2.63 17.39
CA LYS B 77 12.14 -3.74 18.05
C LYS B 77 11.20 -4.95 18.09
N LEU B 78 9.94 -4.71 18.47
CA LEU B 78 8.97 -5.79 18.57
C LEU B 78 8.78 -6.46 17.22
N LEU B 79 8.52 -5.66 16.18
CA LEU B 79 8.15 -6.20 14.88
C LEU B 79 9.35 -6.80 14.17
N CYS B 80 10.53 -6.15 14.23
CA CYS B 80 11.70 -6.79 13.66
C CYS B 80 12.01 -8.09 14.40
N GLY B 81 11.78 -8.13 15.72
CA GLY B 81 12.01 -9.35 16.47
C GLY B 81 11.13 -10.49 15.98
N LEU B 82 9.84 -10.19 15.74
CA LEU B 82 8.91 -11.20 15.26
C LEU B 82 9.28 -11.66 13.86
N LEU B 83 9.66 -10.72 13.00
CA LEU B 83 9.99 -11.09 11.63
C LEU B 83 11.26 -11.93 11.61
N ALA B 84 12.20 -11.65 12.51
CA ALA B 84 13.43 -12.44 12.58
C ALA B 84 13.13 -13.82 13.11
N GLU B 85 12.34 -13.91 14.17
CA GLU B 85 12.14 -15.20 14.82
C GLU B 85 11.25 -16.10 13.98
N ARG B 86 10.16 -15.54 13.44
CA ARG B 86 9.14 -16.32 12.77
C ARG B 86 9.39 -16.48 11.26
N LEU B 87 9.90 -15.45 10.59
CA LEU B 87 10.11 -15.49 9.14
C LEU B 87 11.58 -15.56 8.74
N ARG B 88 12.50 -15.52 9.71
CA ARG B 88 13.94 -15.66 9.48
C ARG B 88 14.47 -14.51 8.62
N ILE B 89 13.89 -13.32 8.80
CA ILE B 89 14.33 -12.13 8.07
C ILE B 89 15.22 -11.31 8.98
N SER B 90 16.40 -10.94 8.47
CA SER B 90 17.32 -10.12 9.23
C SER B 90 16.69 -8.74 9.50
N PRO B 91 16.82 -8.21 10.72
CA PRO B 91 16.24 -6.88 11.01
C PRO B 91 16.80 -5.76 10.17
N ASP B 92 18.05 -5.87 9.66
CA ASP B 92 18.57 -4.82 8.81
C ASP B 92 18.11 -4.95 7.35
N ARG B 93 17.17 -5.89 7.07
CA ARG B 93 16.49 -6.00 5.79
C ARG B 93 14.98 -5.82 5.95
N VAL B 94 14.59 -5.03 6.95
CA VAL B 94 13.19 -4.70 7.23
C VAL B 94 13.07 -3.17 7.24
N TYR B 95 12.09 -2.64 6.51
CA TYR B 95 11.62 -1.28 6.70
C TYR B 95 10.20 -1.33 7.21
N ILE B 96 9.87 -0.44 8.15
CA ILE B 96 8.49 -0.28 8.64
C ILE B 96 8.15 1.20 8.58
N ASN B 97 7.13 1.55 7.79
CA ASN B 97 6.66 2.93 7.74
C ASN B 97 5.51 3.06 8.75
N TYR B 98 5.56 4.10 9.59
CA TYR B 98 4.58 4.36 10.64
C TYR B 98 3.71 5.54 10.20
N TYR B 99 2.39 5.40 10.40
CA TYR B 99 1.43 6.44 9.98
C TYR B 99 0.49 6.73 11.13
N ASP B 100 0.53 7.98 11.62
CA ASP B 100 -0.43 8.50 12.60
C ASP B 100 -1.60 9.06 11.83
N MET B 101 -2.73 8.34 11.81
CA MET B 101 -3.87 8.76 11.01
C MET B 101 -4.79 9.69 11.78
N ASN B 102 -5.30 10.73 11.11
CA ASN B 102 -6.36 11.54 11.70
C ASN B 102 -7.64 10.74 11.67
N ALA B 103 -8.41 10.79 12.78
CA ALA B 103 -9.65 10.01 12.84
C ALA B 103 -10.57 10.32 11.67
N ALA B 104 -10.60 11.58 11.18
CA ALA B 104 -11.48 11.92 10.06
C ALA B 104 -11.08 11.22 8.77
N ASN B 105 -9.86 10.71 8.72
CA ASN B 105 -9.35 10.07 7.52
C ASN B 105 -9.32 8.54 7.63
N VAL B 106 -10.04 7.96 8.61
CA VAL B 106 -10.12 6.51 8.75
C VAL B 106 -11.60 6.13 8.71
N GLY B 107 -12.00 5.44 7.63
CA GLY B 107 -13.37 4.97 7.49
C GLY B 107 -13.51 3.57 8.04
N TRP B 108 -14.67 3.31 8.61
CA TRP B 108 -15.01 2.02 9.19
C TRP B 108 -16.51 2.02 9.26
N ASN B 109 -17.13 0.93 8.82
CA ASN B 109 -18.57 0.73 9.04
C ASN B 109 -19.42 1.98 8.75
N ASN B 110 -19.34 2.48 7.51
CA ASN B 110 -20.27 3.49 7.03
C ASN B 110 -20.05 4.87 7.63
N SER B 111 -18.88 5.10 8.23
CA SER B 111 -18.60 6.43 8.77
C SER B 111 -17.09 6.57 8.88
N THR B 112 -16.63 7.56 9.61
CA THR B 112 -15.22 7.63 10.01
C THR B 112 -15.17 7.63 11.52
N PHE B 113 -13.95 7.63 12.06
CA PHE B 113 -13.79 7.69 13.52
C PHE B 113 -13.82 9.10 14.10
N ALA B 114 -13.93 10.14 13.28
CA ALA B 114 -13.97 11.49 13.85
C ALA B 114 -15.24 11.70 14.71
N PRO C 1 15.05 4.62 0.61
CA PRO C 1 13.78 4.87 -0.11
C PRO C 1 13.16 3.56 -0.46
N MET C 2 11.87 3.58 -0.75
CA MET C 2 11.11 2.39 -1.08
C MET C 2 10.27 2.72 -2.30
N PHE C 3 10.38 1.90 -3.34
CA PHE C 3 9.58 2.09 -4.53
C PHE C 3 8.75 0.85 -4.78
N ILE C 4 7.43 1.03 -4.92
CA ILE C 4 6.51 -0.08 -5.15
C ILE C 4 5.81 0.16 -6.49
N VAL C 5 5.73 -0.87 -7.34
CA VAL C 5 4.91 -0.77 -8.54
C VAL C 5 3.94 -1.92 -8.58
N ASN C 6 2.66 -1.61 -8.65
CA ASN C 6 1.63 -2.63 -8.85
C ASN C 6 1.17 -2.50 -10.29
N THR C 7 1.07 -3.63 -11.01
CA THR C 7 0.68 -3.55 -12.41
C THR C 7 -0.11 -4.78 -12.80
N ASN C 8 -0.94 -4.63 -13.85
CA ASN C 8 -1.65 -5.76 -14.42
C ASN C 8 -0.85 -6.46 -15.50
N VAL C 9 0.35 -5.97 -15.83
CA VAL C 9 1.19 -6.68 -16.79
C VAL C 9 1.57 -8.03 -16.20
N PRO C 10 1.66 -9.08 -17.00
CA PRO C 10 1.98 -10.39 -16.44
C PRO C 10 3.45 -10.49 -16.00
N ARG C 11 3.68 -11.37 -15.04
CA ARG C 11 5.03 -11.55 -14.48
C ARG C 11 6.03 -11.86 -15.59
N ALA C 12 5.63 -12.66 -16.58
CA ALA C 12 6.61 -13.04 -17.59
C ALA C 12 7.04 -11.88 -18.46
N SER C 13 6.32 -10.75 -18.42
CA SER C 13 6.66 -9.52 -19.15
C SER C 13 7.59 -8.59 -18.39
N VAL C 14 7.90 -8.90 -17.13
CA VAL C 14 8.84 -8.12 -16.34
C VAL C 14 10.23 -8.60 -16.67
N PRO C 15 11.08 -7.78 -17.28
CA PRO C 15 12.36 -8.30 -17.78
C PRO C 15 13.28 -8.67 -16.63
N ASP C 16 14.11 -9.66 -16.89
CA ASP C 16 15.16 -10.01 -15.95
C ASP C 16 15.99 -8.77 -15.70
N GLY C 17 16.28 -8.48 -14.42
CA GLY C 17 17.09 -7.34 -14.06
C GLY C 17 16.30 -6.08 -13.74
N PHE C 18 14.98 -6.11 -13.88
CA PHE C 18 14.18 -4.92 -13.63
C PHE C 18 14.36 -4.42 -12.21
N LEU C 19 14.37 -5.32 -11.22
CA LEU C 19 14.54 -4.84 -9.84
C LEU C 19 15.93 -4.21 -9.64
N SER C 20 16.96 -4.78 -10.28
CA SER C 20 18.29 -4.19 -10.23
C SER C 20 18.30 -2.82 -10.93
N GLU C 21 17.67 -2.71 -12.11
CA GLU C 21 17.63 -1.40 -12.77
C GLU C 21 16.94 -0.34 -11.92
N LEU C 22 15.79 -0.70 -11.32
CA LEU C 22 15.09 0.25 -10.45
C LEU C 22 15.99 0.67 -9.30
N THR C 23 16.66 -0.30 -8.66
CA THR C 23 17.55 0.02 -7.54
C THR C 23 18.62 1.02 -7.96
N GLN C 24 19.29 0.74 -9.08
CA GLN C 24 20.39 1.59 -9.54
C GLN C 24 19.91 2.96 -9.97
N GLN C 25 18.81 3.01 -10.71
CA GLN C 25 18.34 4.30 -11.25
C GLN C 25 17.76 5.17 -10.14
N LEU C 26 17.04 4.56 -9.18
CA LEU C 26 16.54 5.32 -8.03
C LEU C 26 17.66 5.79 -7.11
N ALA C 27 18.73 4.99 -6.95
CA ALA C 27 19.87 5.49 -6.21
C ALA C 27 20.42 6.73 -6.88
N GLN C 28 20.59 6.69 -8.21
CA GLN C 28 21.10 7.85 -8.92
C GLN C 28 20.17 9.05 -8.78
N ALA C 29 18.86 8.82 -8.89
CA ALA C 29 17.89 9.91 -8.93
C ALA C 29 17.72 10.56 -7.57
N THR C 30 17.69 9.75 -6.52
CA THR C 30 17.48 10.28 -5.18
C THR C 30 18.76 10.74 -4.53
N GLY C 31 19.91 10.31 -5.06
CA GLY C 31 21.17 10.59 -4.40
C GLY C 31 21.45 9.73 -3.18
N LYS C 32 20.63 8.76 -2.91
CA LYS C 32 20.88 7.88 -1.80
C LYS C 32 21.63 6.63 -2.26
N PRO C 33 22.48 6.08 -1.40
CA PRO C 33 23.23 4.85 -1.75
C PRO C 33 22.26 3.73 -2.05
N PRO C 34 22.59 2.87 -3.02
CA PRO C 34 21.67 1.78 -3.37
C PRO C 34 21.38 0.81 -2.22
N GLN C 35 22.29 0.70 -1.23
CA GLN C 35 22.03 -0.15 -0.07
C GLN C 35 20.76 0.25 0.63
N TYR C 36 20.35 1.51 0.52
CA TYR C 36 19.17 1.98 1.24
C TYR C 36 17.89 1.89 0.42
N ILE C 37 17.97 1.46 -0.85
CA ILE C 37 16.83 1.46 -1.76
C ILE C 37 16.19 0.09 -1.72
N ALA C 38 14.87 0.05 -1.46
CA ALA C 38 14.12 -1.18 -1.56
C ALA C 38 13.13 -1.07 -2.69
N VAL C 39 12.90 -2.18 -3.42
CA VAL C 39 12.03 -2.14 -4.58
C VAL C 39 11.10 -3.32 -4.51
N HIS C 40 9.85 -3.11 -4.90
CA HIS C 40 8.83 -4.15 -4.81
C HIS C 40 7.98 -4.06 -6.07
N VAL C 41 7.93 -5.14 -6.87
CA VAL C 41 7.22 -5.16 -8.13
C VAL C 41 6.14 -6.22 -8.01
N VAL C 42 4.90 -5.83 -8.31
CA VAL C 42 3.74 -6.70 -8.12
C VAL C 42 2.99 -6.82 -9.44
N PRO C 43 3.27 -7.87 -10.24
CA PRO C 43 2.62 -8.05 -11.54
C PRO C 43 1.29 -8.78 -11.41
N ASP C 44 0.59 -8.93 -12.53
CA ASP C 44 -0.60 -9.79 -12.61
C ASP C 44 -1.75 -9.30 -11.75
N GLN C 45 -1.82 -7.98 -11.49
CA GLN C 45 -2.83 -7.43 -10.59
C GLN C 45 -4.14 -7.16 -11.33
N LEU C 46 -5.23 -7.23 -10.58
CA LEU C 46 -6.57 -6.90 -11.06
C LEU C 46 -6.72 -5.39 -10.88
N MET C 47 -6.52 -4.64 -11.98
CA MET C 47 -6.49 -3.19 -11.94
C MET C 47 -7.19 -2.59 -13.12
N ALA C 48 -7.67 -1.34 -12.93
CA ALA C 48 -8.18 -0.57 -14.05
C ALA C 48 -7.77 0.87 -13.86
N PHE C 49 -7.63 1.56 -14.99
CA PHE C 49 -7.23 2.97 -15.00
C PHE C 49 -8.17 3.64 -15.98
N GLY C 50 -8.98 4.58 -15.49
CA GLY C 50 -9.96 5.19 -16.36
C GLY C 50 -11.02 4.23 -16.86
N GLY C 51 -11.26 3.13 -16.15
CA GLY C 51 -12.27 2.20 -16.59
C GLY C 51 -11.79 1.23 -17.64
N SER C 52 -10.51 1.28 -17.98
CA SER C 52 -9.90 0.42 -18.98
C SER C 52 -8.95 -0.53 -18.28
N SER C 53 -8.93 -1.79 -18.72
CA SER C 53 -8.03 -2.76 -18.14
C SER C 53 -6.79 -2.96 -19.01
N GLU C 54 -6.53 -2.02 -19.92
CA GLU C 54 -5.25 -2.03 -20.64
C GLU C 54 -4.07 -1.85 -19.66
N PRO C 55 -2.86 -2.19 -20.09
CA PRO C 55 -1.72 -2.09 -19.16
C PRO C 55 -1.66 -0.76 -18.43
N CYS C 56 -1.47 -0.85 -17.11
CA CYS C 56 -1.39 0.32 -16.26
C CYS C 56 -0.53 0.00 -15.04
N ALA C 57 -0.20 1.05 -14.30
CA ALA C 57 0.57 0.84 -13.09
C ALA C 57 0.19 1.87 -12.04
N LEU C 58 0.17 1.42 -10.79
CA LEU C 58 -0.01 2.29 -9.64
C LEU C 58 1.23 2.11 -8.77
N CYS C 59 1.92 3.21 -8.47
CA CYS C 59 3.23 3.16 -7.84
C CYS C 59 3.30 4.11 -6.66
N SER C 60 4.30 3.89 -5.82
CA SER C 60 4.61 4.85 -4.79
C SER C 60 6.11 4.91 -4.58
N LEU C 61 6.60 6.11 -4.25
CA LEU C 61 7.98 6.28 -3.84
C LEU C 61 7.98 6.96 -2.49
N HIS C 62 8.56 6.29 -1.49
CA HIS C 62 8.72 6.87 -0.17
C HIS C 62 10.20 7.13 0.06
N SER C 63 10.51 8.29 0.66
CA SER C 63 11.90 8.61 0.97
C SER C 63 11.92 9.54 2.16
N ILE C 64 12.97 9.43 2.98
CA ILE C 64 13.24 10.43 4.01
C ILE C 64 13.95 11.57 3.31
N GLY C 65 13.20 12.64 3.01
CA GLY C 65 13.76 13.72 2.21
C GLY C 65 13.86 13.32 0.76
N LYS C 66 14.46 14.23 -0.03
CA LYS C 66 14.60 14.07 -1.49
C LYS C 66 13.25 14.00 -2.22
N ILE C 67 12.22 14.63 -1.66
CA ILE C 67 10.88 14.68 -2.23
C ILE C 67 10.50 16.15 -2.35
N GLY C 68 9.96 16.55 -3.50
CA GLY C 68 9.58 17.95 -3.67
C GLY C 68 9.12 18.20 -5.08
N GLY C 69 8.68 19.43 -5.33
CA GLY C 69 8.10 19.71 -6.62
C GLY C 69 8.95 19.32 -7.82
N ALA C 70 10.16 19.90 -7.92
CA ALA C 70 10.99 19.64 -9.07
C ALA C 70 11.51 18.21 -9.07
N GLN C 71 11.90 17.70 -7.89
CA GLN C 71 12.42 16.35 -7.82
C GLN C 71 11.38 15.35 -8.29
N ASN C 72 10.13 15.55 -7.86
CA ASN C 72 9.09 14.59 -8.20
C ASN C 72 8.80 14.60 -9.69
N ARG C 73 8.88 15.78 -10.33
CA ARG C 73 8.75 15.81 -11.78
C ARG C 73 9.83 14.96 -12.42
N SER C 74 11.05 15.09 -11.92
CA SER C 74 12.18 14.32 -12.45
C SER C 74 11.99 12.84 -12.18
N TYR C 75 11.56 12.46 -10.97
CA TYR C 75 11.30 11.04 -10.70
C TYR C 75 10.22 10.51 -11.65
N SER C 76 9.18 11.30 -11.90
CA SER C 76 8.08 10.84 -12.71
C SER C 76 8.50 10.62 -14.16
N LYS C 77 9.35 11.52 -14.69
CA LYS C 77 9.87 11.32 -16.04
C LYS C 77 10.71 10.04 -16.09
N LEU C 78 11.57 9.86 -15.11
CA LEU C 78 12.40 8.64 -15.06
C LEU C 78 11.54 7.39 -14.98
N LEU C 79 10.60 7.37 -14.01
CA LEU C 79 9.88 6.13 -13.72
C LEU C 79 8.86 5.83 -14.81
N CYS C 80 8.15 6.84 -15.30
CA CYS C 80 7.26 6.56 -16.43
C CYS C 80 8.04 6.10 -17.65
N GLY C 81 9.22 6.67 -17.88
CA GLY C 81 10.02 6.20 -19.00
C GLY C 81 10.40 4.74 -18.85
N LEU C 82 10.76 4.32 -17.62
CA LEU C 82 11.14 2.92 -17.40
C LEU C 82 9.93 2.00 -17.56
N LEU C 83 8.77 2.42 -17.03
CA LEU C 83 7.60 1.56 -17.16
C LEU C 83 7.19 1.43 -18.62
N ALA C 84 7.34 2.50 -19.39
CA ALA C 84 7.02 2.44 -20.81
C ALA C 84 8.00 1.55 -21.55
N GLU C 85 9.30 1.76 -21.32
CA GLU C 85 10.29 1.05 -22.12
C GLU C 85 10.39 -0.40 -21.71
N ARG C 86 10.29 -0.68 -20.41
CA ARG C 86 10.50 -2.04 -19.91
C ARG C 86 9.22 -2.85 -19.84
N LEU C 87 8.12 -2.24 -19.41
CA LEU C 87 6.86 -2.98 -19.24
C LEU C 87 5.82 -2.65 -20.29
N ARG C 88 6.12 -1.72 -21.21
CA ARG C 88 5.20 -1.35 -22.29
C ARG C 88 3.91 -0.75 -21.76
N ILE C 89 4.02 0.01 -20.66
CA ILE C 89 2.87 0.72 -20.07
C ILE C 89 2.91 2.17 -20.52
N SER C 90 1.81 2.65 -21.07
N SER C 90 1.80 2.65 -21.08
CA SER C 90 1.73 4.05 -21.49
CA SER C 90 1.73 4.06 -21.49
C SER C 90 1.86 4.98 -20.28
C SER C 90 1.88 4.97 -20.28
N PRO C 91 2.65 6.06 -20.38
CA PRO C 91 2.81 6.95 -19.23
C PRO C 91 1.52 7.59 -18.75
N ASP C 92 0.54 7.73 -19.61
CA ASP C 92 -0.73 8.31 -19.14
C ASP C 92 -1.62 7.27 -18.47
N ARG C 93 -1.10 6.04 -18.24
CA ARG C 93 -1.77 5.00 -17.46
C ARG C 93 -0.94 4.63 -16.24
N VAL C 94 -0.18 5.59 -15.73
CA VAL C 94 0.65 5.41 -14.55
C VAL C 94 0.32 6.50 -13.55
N TYR C 95 0.07 6.12 -12.30
CA TYR C 95 0.10 7.08 -11.18
C TYR C 95 1.25 6.70 -10.26
N ILE C 96 1.95 7.71 -9.74
CA ILE C 96 3.00 7.50 -8.74
C ILE C 96 2.73 8.45 -7.59
N ASN C 97 2.49 7.92 -6.39
CA ASN C 97 2.30 8.81 -5.24
C ASN C 97 3.64 8.94 -4.52
N TYR C 98 3.99 10.17 -4.17
CA TYR C 98 5.26 10.48 -3.50
C TYR C 98 5.03 10.81 -2.03
N TYR C 99 5.89 10.27 -1.14
CA TYR C 99 5.75 10.43 0.30
C TYR C 99 7.09 10.80 0.90
N ASP C 100 7.16 11.96 1.52
CA ASP C 100 8.31 12.42 2.29
C ASP C 100 8.13 11.95 3.74
N MET C 101 8.89 10.96 4.14
CA MET C 101 8.76 10.37 5.46
C MET C 101 9.64 11.08 6.47
N ASN C 102 9.08 11.34 7.65
CA ASN C 102 9.91 11.76 8.77
C ASN C 102 10.71 10.56 9.27
N ALA C 103 12.00 10.80 9.55
CA ALA C 103 12.88 9.73 10.02
C ALA C 103 12.31 9.00 11.23
N ALA C 104 11.59 9.71 12.11
CA ALA C 104 11.04 9.10 13.33
C ALA C 104 9.96 8.10 12.98
N ASN C 105 9.43 8.15 11.77
CA ASN C 105 8.37 7.27 11.35
C ASN C 105 8.84 6.17 10.41
N VAL C 106 10.15 5.88 10.39
CA VAL C 106 10.68 4.81 9.55
C VAL C 106 11.48 3.87 10.45
N GLY C 107 11.00 2.63 10.58
CA GLY C 107 11.70 1.62 11.34
C GLY C 107 12.62 0.79 10.46
N TRP C 108 13.71 0.33 11.08
CA TRP C 108 14.76 -0.45 10.43
C TRP C 108 15.68 -0.99 11.52
N ASN C 109 16.10 -2.23 11.38
CA ASN C 109 17.15 -2.77 12.23
C ASN C 109 16.87 -2.53 13.73
N ASN C 110 15.64 -2.90 14.14
CA ASN C 110 15.18 -2.89 15.52
C ASN C 110 15.04 -1.50 16.11
N SER C 111 15.03 -0.49 15.27
CA SER C 111 15.03 0.88 15.75
C SER C 111 14.32 1.73 14.71
N THR C 112 14.43 3.05 14.85
CA THR C 112 14.02 3.93 13.79
C THR C 112 15.16 4.84 13.37
N PHE C 113 14.92 5.61 12.31
CA PHE C 113 16.00 6.49 11.91
C PHE C 113 16.06 7.80 12.70
N ALA C 114 15.10 8.05 13.60
CA ALA C 114 15.12 9.30 14.42
C ALA C 114 16.27 9.38 15.40
CL CL D . -6.87 12.63 -8.06
CL CL E . -15.44 17.49 3.55
CL CL F . 0.70 14.81 -0.24
CL CL G . -14.66 -4.38 -13.90
CL CL H . -3.37 19.67 -28.14
CL CL I . -4.20 9.48 -6.98
S SO4 J . -21.64 10.37 14.88
O1 SO4 J . -20.35 10.68 14.18
O2 SO4 J . -22.77 10.99 14.18
O3 SO4 J . -21.68 8.90 14.89
O4 SO4 J . -21.68 10.91 16.25
S SO4 K . -7.01 14.51 -11.48
O1 SO4 K . -8.28 13.78 -11.60
O2 SO4 K . -6.71 15.17 -12.80
O3 SO4 K . -5.90 13.60 -11.14
O4 SO4 K . -7.12 15.56 -10.46
S SO4 L . -2.75 13.86 -23.57
O1 SO4 L . -2.85 15.33 -23.66
O2 SO4 L . -3.71 13.17 -24.39
O3 SO4 L . -2.84 13.49 -22.14
O4 SO4 L . -1.43 13.47 -24.12
CL CL M . 6.24 8.66 21.54
CL CL N . -6.45 2.76 15.01
CL CL O . -4.33 11.46 8.25
CL CL P . -11.16 -6.78 21.68
C1 GBJ Q . -13.50 -2.59 13.22
C2 GBJ Q . -13.55 -3.28 14.57
C3 GBJ Q . -12.51 -2.45 15.20
C4 GBJ Q . -13.16 -1.07 15.27
C5 GBJ Q . -14.50 -1.29 16.04
C6 GBJ Q . -15.27 -2.44 16.02
C7 GBJ Q . -16.53 -2.51 16.82
C8 GBJ Q . -16.93 -1.37 17.60
C9 GBJ Q . -16.09 -0.16 17.60
C10 GBJ Q . -14.90 -0.19 16.81
O1 GBJ Q . -13.97 0.83 16.68
C11 GBJ Q . -14.60 2.01 17.00
C12 GBJ Q . -15.15 2.03 18.39
C13 GBJ Q . -16.42 1.13 18.42
C14 GBJ Q . -15.24 3.55 18.32
C15 GBJ Q . -16.02 4.11 17.31
C16 GBJ Q . -16.11 5.52 17.19
C17 GBJ Q . -15.38 6.30 18.03
C18 GBJ Q . -14.58 5.75 19.01
C19 GBJ Q . -14.50 4.33 19.14
O2 GBJ Q . -13.69 3.81 20.14
O3 GBJ Q . -15.45 7.75 17.91
O4 GBJ Q . -14.79 -3.51 15.21
C20 GBJ Q . -13.00 -4.67 14.30
S SO4 R . -5.96 2.13 10.62
O1 SO4 R . -5.68 2.31 9.19
O2 SO4 R . -7.25 1.47 10.90
O3 SO4 R . -4.93 1.23 11.12
O4 SO4 R . -5.87 3.42 11.35
NA NA S . 0.40 5.32 2.42
CL CL T . 14.88 6.79 2.83
CL CL U . 6.06 10.89 8.16
CL CL V . 12.27 19.67 -5.18
#